data_4QUS
#
_entry.id   4QUS
#
_cell.length_a   90.817
_cell.length_b   90.817
_cell.length_c   84.167
_cell.angle_alpha   90.00
_cell.angle_beta   90.00
_cell.angle_gamma   90.00
#
_symmetry.space_group_name_H-M   'I 4'
#
loop_
_entity.id
_entity.type
_entity.pdbx_description
1 polymer 'Acetyltransferase YpeA'
2 non-polymer 'PHOSPHATE ION'
3 non-polymer 1,2-ETHANEDIOL
4 water water
#
_entity_poly.entity_id   1
_entity_poly.type   'polypeptide(L)'
_entity_poly.pdbx_seq_one_letter_code
;MEIRVFRQEDFEEVITLWERCDLLRPWNDPEMDIERKMNHDVSLFLVAEVNGDVVGTVMGGYDGHRGSAYYLGVHPEFRG
RGIANALLNRLEKKLIARGCPKIQINVPEDNDMVLGMYERLGYEHADVLSLGKRLIEDEEYAGENLYFQ
;
_entity_poly.pdbx_strand_id   A,B
#
loop_
_chem_comp.id
_chem_comp.type
_chem_comp.name
_chem_comp.formula
EDO non-polymer 1,2-ETHANEDIOL 'C2 H6 O2'
PO4 non-polymer 'PHOSPHATE ION' 'O4 P -3'
#
# COMPACT_ATOMS: atom_id res chain seq x y z
N MET A 1 -4.19 -29.62 -2.18
CA MET A 1 -3.80 -28.30 -1.65
C MET A 1 -4.74 -27.28 -2.30
N GLU A 2 -5.46 -26.51 -1.46
CA GLU A 2 -6.47 -25.51 -1.89
C GLU A 2 -6.20 -24.17 -1.23
N ILE A 3 -6.33 -23.11 -2.03
CA ILE A 3 -6.23 -21.74 -1.56
C ILE A 3 -7.65 -21.21 -1.32
N ARG A 4 -7.89 -20.60 -0.17
CA ARG A 4 -9.20 -20.05 0.16
C ARG A 4 -8.99 -18.79 1.03
N VAL A 5 -10.07 -18.07 1.28
CA VAL A 5 -10.03 -16.90 2.15
C VAL A 5 -9.97 -17.34 3.63
N PHE A 6 -9.21 -16.59 4.41
CA PHE A 6 -9.16 -16.72 5.86
C PHE A 6 -10.59 -16.63 6.45
N ARG A 7 -10.82 -17.46 7.46
CA ARG A 7 -12.07 -17.40 8.24
C ARG A 7 -11.70 -17.17 9.69
N GLN A 8 -12.63 -16.59 10.45
N GLN A 8 -12.64 -16.59 10.45
CA GLN A 8 -12.37 -16.31 11.85
CA GLN A 8 -12.38 -16.25 11.84
C GLN A 8 -11.91 -17.51 12.63
C GLN A 8 -11.96 -17.48 12.65
N GLU A 9 -12.47 -18.66 12.29
CA GLU A 9 -12.13 -19.89 12.97
C GLU A 9 -10.64 -20.31 12.82
N ASP A 10 -9.96 -19.75 11.82
CA ASP A 10 -8.55 -20.05 11.56
C ASP A 10 -7.60 -19.23 12.45
N PHE A 11 -8.12 -18.29 13.24
CA PHE A 11 -7.31 -17.33 14.02
C PHE A 11 -6.10 -17.91 14.74
N GLU A 12 -6.35 -18.83 15.66
CA GLU A 12 -5.25 -19.35 16.46
C GLU A 12 -4.27 -20.21 15.62
N GLU A 13 -4.82 -21.00 14.72
CA GLU A 13 -3.99 -21.85 13.84
C GLU A 13 -3.04 -21.00 12.97
N VAL A 14 -3.54 -19.88 12.47
CA VAL A 14 -2.71 -19.00 11.68
C VAL A 14 -1.60 -18.39 12.54
N ILE A 15 -1.94 -17.91 13.74
CA ILE A 15 -0.90 -17.33 14.59
C ILE A 15 0.19 -18.37 14.90
N THR A 16 -0.22 -19.59 15.20
CA THR A 16 0.76 -20.67 15.45
C THR A 16 1.65 -20.91 14.22
N LEU A 17 1.05 -20.91 13.04
CA LEU A 17 1.82 -21.08 11.81
C LEU A 17 2.82 -19.93 11.65
N TRP A 18 2.37 -18.69 11.90
CA TRP A 18 3.28 -17.58 11.81
C TRP A 18 4.49 -17.71 12.74
N GLU A 19 4.24 -18.22 13.94
N GLU A 19 4.26 -18.18 13.96
CA GLU A 19 5.32 -18.50 14.92
CA GLU A 19 5.35 -18.38 14.88
C GLU A 19 6.29 -19.55 14.37
C GLU A 19 6.32 -19.42 14.27
N ARG A 20 5.73 -20.57 13.74
N ARG A 20 5.79 -20.56 13.83
CA ARG A 20 6.52 -21.67 13.18
CA ARG A 20 6.64 -21.60 13.22
C ARG A 20 7.35 -21.21 11.95
C ARG A 20 7.48 -21.06 12.07
N CYS A 21 6.89 -20.17 11.27
CA CYS A 21 7.57 -19.59 10.10
C CYS A 21 8.47 -18.39 10.41
N ASP A 22 8.60 -18.07 11.70
N ASP A 22 8.58 -18.08 11.71
CA ASP A 22 9.43 -16.96 12.15
CA ASP A 22 9.39 -16.98 12.20
C ASP A 22 8.99 -15.63 11.57
C ASP A 22 8.99 -15.63 11.61
N LEU A 23 7.67 -15.44 11.44
CA LEU A 23 7.16 -14.20 10.86
C LEU A 23 6.83 -13.13 11.89
N LEU A 24 6.66 -13.55 13.14
CA LEU A 24 6.26 -12.61 14.18
C LEU A 24 7.39 -11.67 14.55
N ARG A 25 7.04 -10.42 14.80
CA ARG A 25 8.00 -9.43 15.27
C ARG A 25 7.40 -8.77 16.49
N PRO A 26 8.24 -8.32 17.43
CA PRO A 26 7.71 -7.77 18.69
C PRO A 26 6.84 -6.55 18.56
N TRP A 27 7.04 -5.79 17.47
CA TRP A 27 6.31 -4.55 17.24
C TRP A 27 4.97 -4.73 16.51
N ASN A 28 4.68 -5.94 16.07
CA ASN A 28 3.40 -6.25 15.44
C ASN A 28 2.67 -7.31 16.27
N ASP A 29 1.55 -6.96 16.90
CA ASP A 29 0.80 -7.95 17.63
C ASP A 29 -0.03 -8.72 16.58
N PRO A 30 0.23 -10.03 16.39
CA PRO A 30 -0.47 -10.74 15.33
C PRO A 30 -1.98 -10.82 15.54
N GLU A 31 -2.41 -10.90 16.78
CA GLU A 31 -3.84 -10.86 17.06
C GLU A 31 -4.44 -9.56 16.56
N MET A 32 -3.76 -8.47 16.85
N MET A 32 -3.77 -8.44 16.85
CA MET A 32 -4.21 -7.18 16.43
CA MET A 32 -4.20 -7.14 16.38
C MET A 32 -4.17 -7.07 14.89
C MET A 32 -4.19 -7.08 14.86
N ASP A 33 -3.13 -7.60 14.25
CA ASP A 33 -3.05 -7.54 12.79
C ASP A 33 -4.19 -8.33 12.13
N ILE A 34 -4.56 -9.48 12.67
CA ILE A 34 -5.67 -10.22 12.11
C ILE A 34 -6.98 -9.45 12.35
N GLU A 35 -7.19 -8.90 13.54
CA GLU A 35 -8.40 -8.12 13.82
C GLU A 35 -8.53 -6.92 12.91
N ARG A 36 -7.42 -6.24 12.64
CA ARG A 36 -7.45 -5.10 11.73
C ARG A 36 -7.91 -5.56 10.33
N LYS A 37 -7.35 -6.66 9.87
CA LYS A 37 -7.65 -7.17 8.56
C LYS A 37 -9.14 -7.58 8.47
N MET A 38 -9.61 -8.28 9.48
CA MET A 38 -11.02 -8.69 9.53
C MET A 38 -11.95 -7.52 9.46
N ASN A 39 -11.63 -6.45 10.18
CA ASN A 39 -12.47 -5.29 10.21
C ASN A 39 -12.44 -4.52 8.90
N HIS A 40 -11.30 -4.50 8.24
CA HIS A 40 -11.12 -3.72 7.02
C HIS A 40 -11.71 -4.41 5.80
N ASP A 41 -11.31 -5.65 5.55
CA ASP A 41 -11.74 -6.43 4.38
C ASP A 41 -10.93 -7.71 4.42
N VAL A 42 -11.56 -8.85 4.72
CA VAL A 42 -10.83 -10.10 4.84
C VAL A 42 -10.53 -10.77 3.49
N SER A 43 -11.10 -10.25 2.40
CA SER A 43 -11.18 -11.00 1.15
C SER A 43 -9.88 -11.30 0.43
N LEU A 44 -8.82 -10.54 0.71
CA LEU A 44 -7.51 -10.77 0.11
C LEU A 44 -6.55 -11.47 1.10
N PHE A 45 -7.05 -11.84 2.29
CA PHE A 45 -6.27 -12.60 3.26
C PHE A 45 -6.49 -14.07 2.95
N LEU A 46 -5.47 -14.71 2.37
CA LEU A 46 -5.60 -16.06 1.86
C LEU A 46 -4.83 -17.07 2.68
N VAL A 47 -5.39 -18.29 2.74
CA VAL A 47 -4.73 -19.39 3.38
C VAL A 47 -4.67 -20.57 2.41
N ALA A 48 -3.64 -21.40 2.60
CA ALA A 48 -3.48 -22.65 1.85
C ALA A 48 -3.76 -23.79 2.83
N GLU A 49 -4.66 -24.69 2.45
CA GLU A 49 -5.08 -25.80 3.30
C GLU A 49 -4.71 -27.13 2.63
N VAL A 50 -4.12 -28.01 3.41
CA VAL A 50 -3.73 -29.36 3.01
C VAL A 50 -4.23 -30.30 4.09
N ASN A 51 -5.02 -31.29 3.69
CA ASN A 51 -5.54 -32.30 4.61
C ASN A 51 -6.19 -31.68 5.84
N GLY A 52 -6.93 -30.61 5.60
CA GLY A 52 -7.68 -29.91 6.64
C GLY A 52 -6.92 -28.92 7.51
N ASP A 53 -5.62 -28.78 7.28
CA ASP A 53 -4.76 -27.90 8.06
C ASP A 53 -4.26 -26.72 7.25
N VAL A 54 -4.22 -25.54 7.85
CA VAL A 54 -3.65 -24.37 7.22
C VAL A 54 -2.14 -24.51 7.26
N VAL A 55 -1.53 -24.53 6.08
CA VAL A 55 -0.08 -24.69 5.96
C VAL A 55 0.60 -23.52 5.27
N GLY A 56 -0.17 -22.52 4.83
CA GLY A 56 0.41 -21.32 4.26
C GLY A 56 -0.55 -20.16 4.35
N THR A 57 -0.02 -18.94 4.28
CA THR A 57 -0.83 -17.74 4.28
C THR A 57 -0.21 -16.65 3.45
N VAL A 58 -1.06 -15.75 2.94
CA VAL A 58 -0.59 -14.45 2.51
C VAL A 58 -1.65 -13.44 2.89
N MET A 59 -1.28 -12.39 3.61
CA MET A 59 -2.21 -11.30 3.91
C MET A 59 -2.09 -10.30 2.78
N GLY A 60 -2.89 -10.52 1.74
CA GLY A 60 -2.95 -9.62 0.62
C GLY A 60 -3.86 -8.45 0.89
N GLY A 61 -3.76 -7.42 0.06
CA GLY A 61 -4.51 -6.20 0.33
C GLY A 61 -4.47 -5.27 -0.86
N TYR A 62 -5.35 -4.27 -0.80
CA TYR A 62 -5.46 -3.27 -1.84
C TYR A 62 -5.90 -1.98 -1.18
N ASP A 63 -5.23 -0.89 -1.51
CA ASP A 63 -5.52 0.41 -0.90
C ASP A 63 -6.23 1.40 -1.82
N GLY A 64 -6.62 0.95 -3.01
CA GLY A 64 -7.25 1.80 -4.01
C GLY A 64 -6.29 2.33 -5.07
N HIS A 65 -5.00 2.04 -4.91
CA HIS A 65 -3.97 2.39 -5.90
C HIS A 65 -2.98 1.28 -6.08
N ARG A 66 -2.52 0.65 -4.99
CA ARG A 66 -1.56 -0.41 -5.08
C ARG A 66 -1.98 -1.60 -4.22
N GLY A 67 -1.61 -2.79 -4.68
CA GLY A 67 -1.77 -4.00 -3.93
C GLY A 67 -0.59 -4.24 -3.00
N SER A 68 -0.77 -5.11 -2.04
CA SER A 68 0.23 -5.43 -1.03
C SER A 68 0.16 -6.88 -0.63
N ALA A 69 1.21 -7.34 0.04
CA ALA A 69 1.27 -8.72 0.54
C ALA A 69 2.18 -8.76 1.76
N TYR A 70 1.61 -9.13 2.91
CA TYR A 70 2.34 -9.29 4.16
C TYR A 70 2.11 -10.71 4.68
N TYR A 71 2.87 -11.08 5.70
CA TYR A 71 2.64 -12.35 6.35
C TYR A 71 2.61 -13.54 5.38
N LEU A 72 3.52 -13.53 4.41
CA LEU A 72 3.65 -14.67 3.52
C LEU A 72 4.43 -15.75 4.28
N GLY A 73 3.85 -16.92 4.45
CA GLY A 73 4.53 -18.01 5.12
C GLY A 73 4.05 -19.34 4.62
N VAL A 74 4.95 -20.32 4.66
CA VAL A 74 4.64 -21.71 4.33
C VAL A 74 5.25 -22.55 5.46
N HIS A 75 4.46 -23.44 6.05
CA HIS A 75 4.90 -24.29 7.15
C HIS A 75 6.23 -24.98 6.75
N PRO A 76 7.20 -25.07 7.69
CA PRO A 76 8.50 -25.64 7.32
C PRO A 76 8.50 -27.05 6.77
N GLU A 77 7.48 -27.83 7.05
CA GLU A 77 7.38 -29.19 6.55
C GLU A 77 6.63 -29.30 5.22
N PHE A 78 6.22 -28.17 4.68
CA PHE A 78 5.50 -28.12 3.42
C PHE A 78 6.17 -27.22 2.41
N ARG A 79 7.48 -27.08 2.52
CA ARG A 79 8.25 -26.26 1.61
C ARG A 79 8.52 -27.05 0.32
N GLY A 80 8.73 -26.34 -0.78
CA GLY A 80 9.02 -27.02 -2.04
C GLY A 80 7.86 -27.79 -2.64
N ARG A 81 6.65 -27.27 -2.41
CA ARG A 81 5.45 -27.89 -2.95
C ARG A 81 4.64 -26.90 -3.77
N GLY A 82 5.21 -25.74 -4.09
CA GLY A 82 4.51 -24.73 -4.87
C GLY A 82 3.49 -23.90 -4.13
N ILE A 83 3.44 -23.99 -2.79
CA ILE A 83 2.38 -23.30 -2.04
C ILE A 83 2.51 -21.80 -2.04
N ALA A 84 3.71 -21.28 -1.78
CA ALA A 84 3.88 -19.82 -1.80
C ALA A 84 3.51 -19.25 -3.17
N ASN A 85 3.96 -19.92 -4.22
N ASN A 85 3.97 -19.94 -4.21
CA ASN A 85 3.61 -19.47 -5.56
CA ASN A 85 3.64 -19.54 -5.57
C ASN A 85 2.11 -19.53 -5.82
C ASN A 85 2.13 -19.53 -5.79
N ALA A 86 1.47 -20.59 -5.35
CA ALA A 86 0.01 -20.71 -5.53
C ALA A 86 -0.70 -19.56 -4.79
N LEU A 87 -0.23 -19.22 -3.60
CA LEU A 87 -0.81 -18.11 -2.85
C LEU A 87 -0.66 -16.79 -3.59
N LEU A 88 0.54 -16.50 -4.06
CA LEU A 88 0.74 -15.23 -4.76
C LEU A 88 0.03 -15.21 -6.09
N ASN A 89 0.02 -16.34 -6.81
CA ASN A 89 -0.68 -16.37 -8.09
C ASN A 89 -2.17 -16.08 -7.88
N ARG A 90 -2.77 -16.67 -6.85
CA ARG A 90 -4.19 -16.42 -6.60
C ARG A 90 -4.45 -14.99 -6.16
N LEU A 91 -3.59 -14.47 -5.29
CA LEU A 91 -3.70 -13.07 -4.87
C LEU A 91 -3.67 -12.14 -6.07
N GLU A 92 -2.71 -12.35 -6.97
CA GLU A 92 -2.62 -11.49 -8.15
C GLU A 92 -3.91 -11.53 -8.96
N LYS A 93 -4.49 -12.72 -9.11
CA LYS A 93 -5.76 -12.80 -9.83
C LYS A 93 -6.89 -12.05 -9.12
N LYS A 94 -6.99 -12.21 -7.81
CA LYS A 94 -8.03 -11.48 -7.08
C LYS A 94 -7.81 -9.97 -7.19
N LEU A 95 -6.55 -9.54 -7.21
CA LEU A 95 -6.24 -8.12 -7.35
C LEU A 95 -6.68 -7.60 -8.72
N ILE A 96 -6.29 -8.30 -9.78
CA ILE A 96 -6.68 -7.88 -11.14
C ILE A 96 -8.19 -7.87 -11.27
N ALA A 97 -8.84 -8.85 -10.68
CA ALA A 97 -10.29 -8.97 -10.79
C ALA A 97 -11.02 -7.75 -10.27
N ARG A 98 -10.46 -7.07 -9.26
CA ARG A 98 -11.05 -5.86 -8.72
C ARG A 98 -10.42 -4.57 -9.25
N GLY A 99 -9.56 -4.69 -10.24
CA GLY A 99 -8.98 -3.54 -10.91
C GLY A 99 -7.69 -2.98 -10.30
N CYS A 100 -7.07 -3.71 -9.37
CA CYS A 100 -5.78 -3.25 -8.85
C CYS A 100 -4.72 -3.28 -9.92
N PRO A 101 -4.00 -2.16 -10.15
CA PRO A 101 -3.13 -2.13 -11.33
C PRO A 101 -1.69 -2.55 -11.10
N LYS A 102 -1.26 -2.70 -9.85
CA LYS A 102 0.13 -2.98 -9.55
C LYS A 102 0.21 -3.43 -8.11
N ILE A 103 1.07 -4.42 -7.84
CA ILE A 103 1.34 -4.88 -6.49
C ILE A 103 2.79 -4.50 -6.15
N GLN A 104 2.97 -4.03 -4.89
N GLN A 104 3.03 -4.18 -4.89
CA GLN A 104 4.26 -3.64 -4.28
CA GLN A 104 4.38 -3.93 -4.45
C GLN A 104 4.52 -4.55 -3.08
C GLN A 104 4.59 -4.53 -3.09
N ILE A 105 5.80 -4.86 -2.87
N ILE A 105 5.80 -5.06 -2.92
CA ILE A 105 6.20 -5.67 -1.71
CA ILE A 105 6.20 -5.69 -1.69
C ILE A 105 7.59 -5.28 -1.26
C ILE A 105 7.53 -5.12 -1.23
N ASN A 106 7.78 -5.27 0.06
CA ASN A 106 9.08 -4.98 0.65
C ASN A 106 9.59 -6.29 1.25
N VAL A 107 10.87 -6.58 1.06
N VAL A 107 10.88 -6.55 1.03
CA VAL A 107 11.46 -7.77 1.62
CA VAL A 107 11.54 -7.77 1.47
C VAL A 107 12.85 -7.43 2.13
C VAL A 107 12.90 -7.42 2.11
N PRO A 108 13.24 -7.98 3.30
CA PRO A 108 14.61 -7.71 3.78
C PRO A 108 15.63 -8.29 2.78
N GLU A 109 16.78 -7.62 2.55
CA GLU A 109 17.74 -8.12 1.55
C GLU A 109 18.29 -9.50 1.89
N ASP A 110 18.33 -9.81 3.18
CA ASP A 110 18.85 -11.09 3.64
C ASP A 110 17.87 -12.26 3.48
N ASN A 111 16.59 -12.00 3.18
CA ASN A 111 15.64 -13.10 2.94
C ASN A 111 15.76 -13.56 1.48
N ASP A 112 16.78 -14.34 1.20
CA ASP A 112 17.04 -14.73 -0.17
C ASP A 112 15.93 -15.62 -0.74
N MET A 113 15.23 -16.39 0.09
CA MET A 113 14.15 -17.25 -0.42
C MET A 113 12.97 -16.42 -0.89
N VAL A 114 12.49 -15.49 -0.07
CA VAL A 114 11.32 -14.68 -0.46
C VAL A 114 11.70 -13.80 -1.65
N LEU A 115 12.87 -13.18 -1.57
CA LEU A 115 13.34 -12.33 -2.66
C LEU A 115 13.38 -13.13 -3.97
N GLY A 116 13.94 -14.33 -3.91
CA GLY A 116 14.06 -15.18 -5.08
C GLY A 116 12.71 -15.58 -5.66
N MET A 117 11.76 -15.89 -4.79
CA MET A 117 10.40 -16.21 -5.25
C MET A 117 9.82 -15.05 -6.05
N TYR A 118 9.90 -13.83 -5.48
CA TYR A 118 9.33 -12.68 -6.16
C TYR A 118 10.02 -12.38 -7.50
N GLU A 119 11.34 -12.50 -7.52
CA GLU A 119 12.06 -12.29 -8.76
C GLU A 119 11.57 -13.30 -9.83
N ARG A 120 11.40 -14.57 -9.43
CA ARG A 120 10.92 -15.59 -10.36
C ARG A 120 9.48 -15.37 -10.85
N LEU A 121 8.69 -14.67 -10.05
CA LEU A 121 7.29 -14.31 -10.37
C LEU A 121 7.21 -13.06 -11.25
N GLY A 122 8.35 -12.47 -11.60
CA GLY A 122 8.33 -11.33 -12.50
C GLY A 122 8.30 -9.98 -11.81
N TYR A 123 8.58 -9.95 -10.51
CA TYR A 123 8.63 -8.68 -9.78
C TYR A 123 9.99 -8.03 -10.05
N GLU A 124 10.00 -6.71 -10.15
CA GLU A 124 11.22 -5.96 -10.43
C GLU A 124 11.56 -5.01 -9.29
N HIS A 125 12.85 -4.82 -9.10
CA HIS A 125 13.33 -3.96 -8.06
C HIS A 125 13.00 -2.52 -8.37
N ALA A 126 12.51 -1.80 -7.36
CA ALA A 126 12.19 -0.38 -7.45
C ALA A 126 13.33 0.41 -6.79
N ASP A 127 13.75 1.48 -7.45
CA ASP A 127 14.83 2.34 -7.01
C ASP A 127 14.32 3.39 -6.04
N VAL A 128 13.82 2.92 -4.91
CA VAL A 128 13.20 3.76 -3.93
C VAL A 128 13.65 3.33 -2.54
N LEU A 129 13.43 4.24 -1.58
CA LEU A 129 13.63 3.97 -0.18
C LEU A 129 12.23 3.94 0.45
N SER A 130 12.01 2.92 1.26
CA SER A 130 10.76 2.73 1.96
C SER A 130 10.89 3.38 3.33
N LEU A 131 10.07 4.40 3.57
CA LEU A 131 10.06 5.13 4.83
C LEU A 131 8.79 4.81 5.59
N GLY A 132 8.91 4.57 6.89
CA GLY A 132 7.74 4.25 7.68
C GLY A 132 7.62 5.09 8.91
N LYS A 133 6.40 5.21 9.40
CA LYS A 133 6.13 5.94 10.64
C LYS A 133 5.03 5.19 11.41
N ARG A 134 5.34 4.75 12.63
CA ARG A 134 4.35 4.07 13.46
C ARG A 134 3.36 5.10 13.98
N LEU A 135 2.09 4.73 13.88
CA LEU A 135 0.95 5.56 14.29
C LEU A 135 0.27 5.04 15.54
N ILE A 136 0.18 3.74 15.69
CA ILE A 136 -0.39 3.09 16.86
C ILE A 136 0.57 1.99 17.25
N GLU A 137 1.20 2.14 18.42
N GLU A 137 1.22 2.15 18.39
CA GLU A 137 2.18 1.18 18.94
CA GLU A 137 2.17 1.16 18.83
C GLU A 137 1.53 -0.04 19.56
C GLU A 137 1.44 -0.03 19.43
N ASP A 138 1.90 -1.23 19.10
CA ASP A 138 1.34 -2.45 19.66
C ASP A 138 2.07 -2.90 20.91
N GLU A 139 1.43 -3.75 21.70
CA GLU A 139 2.04 -4.43 22.84
C GLU A 139 2.73 -5.71 22.34
N GLU A 140 3.66 -6.28 23.10
CA GLU A 140 4.29 -7.51 22.61
C GLU A 140 3.49 -8.76 23.00
N MET B 1 -6.71 28.17 4.31
CA MET B 1 -6.37 26.83 3.77
C MET B 1 -7.24 25.79 4.44
N GLU B 2 -8.02 25.07 3.65
CA GLU B 2 -8.90 24.01 4.11
C GLU B 2 -8.42 22.69 3.55
N ILE B 3 -8.27 21.70 4.42
CA ILE B 3 -7.95 20.33 4.02
C ILE B 3 -9.29 19.59 4.04
N ARG B 4 -9.61 18.91 2.95
CA ARG B 4 -10.85 18.20 2.82
C ARG B 4 -10.67 16.99 1.90
N VAL B 5 -11.71 16.17 1.79
CA VAL B 5 -11.69 15.01 0.91
C VAL B 5 -11.92 15.47 -0.55
N PHE B 6 -11.21 14.80 -1.46
CA PHE B 6 -11.44 14.96 -2.89
C PHE B 6 -12.90 14.71 -3.23
N ARG B 7 -13.42 15.54 -4.14
CA ARG B 7 -14.77 15.39 -4.64
C ARG B 7 -14.71 15.23 -6.16
N GLN B 8 -15.74 14.61 -6.71
N GLN B 8 -15.72 14.58 -6.75
CA GLN B 8 -15.87 14.42 -8.13
CA GLN B 8 -15.73 14.35 -8.21
C GLN B 8 -15.56 15.67 -8.93
C GLN B 8 -15.65 15.66 -9.01
N GLU B 9 -16.11 16.77 -8.45
CA GLU B 9 -16.00 18.05 -9.09
C GLU B 9 -14.57 18.54 -9.24
N ASP B 10 -13.63 17.95 -8.48
CA ASP B 10 -12.22 18.34 -8.49
C ASP B 10 -11.35 17.64 -9.57
N PHE B 11 -11.98 16.73 -10.26
N PHE B 11 -11.86 16.67 -10.38
CA PHE B 11 -11.34 15.83 -11.14
CA PHE B 11 -10.99 15.87 -11.34
C PHE B 11 -10.34 16.51 -12.07
C PHE B 11 -10.05 16.71 -12.21
N GLU B 12 -10.80 17.44 -12.90
N GLU B 12 -10.64 17.52 -13.07
CA GLU B 12 -9.91 18.10 -13.87
CA GLU B 12 -9.84 18.26 -14.03
C GLU B 12 -8.84 18.97 -13.21
C GLU B 12 -8.84 19.16 -13.32
N GLU B 13 -9.26 19.78 -12.23
CA GLU B 13 -8.34 20.67 -11.51
C GLU B 13 -7.16 19.88 -10.87
N VAL B 14 -7.46 18.72 -10.32
CA VAL B 14 -6.43 17.90 -9.71
C VAL B 14 -5.46 17.36 -10.76
N ILE B 15 -5.97 16.91 -11.90
CA ILE B 15 -5.08 16.40 -12.93
C ILE B 15 -4.17 17.53 -13.45
N THR B 16 -4.74 18.72 -13.60
CA THR B 16 -3.95 19.89 -14.01
C THR B 16 -2.86 20.21 -12.98
N LEU B 17 -3.21 20.14 -11.70
CA LEU B 17 -2.24 20.36 -10.62
C LEU B 17 -1.13 19.30 -10.68
N TRP B 18 -1.50 18.03 -10.86
CA TRP B 18 -0.51 16.99 -10.96
C TRP B 18 0.45 17.21 -12.12
N GLU B 19 -0.09 17.63 -13.27
CA GLU B 19 0.77 17.92 -14.39
C GLU B 19 1.74 19.07 -14.04
N ARG B 20 1.22 20.12 -13.39
N ARG B 20 1.23 20.13 -13.40
CA ARG B 20 2.03 21.27 -12.99
CA ARG B 20 2.06 21.28 -13.02
C ARG B 20 3.15 20.87 -12.03
C ARG B 20 3.14 20.91 -12.00
N CYS B 21 2.84 19.91 -11.16
CA CYS B 21 3.76 19.42 -10.14
C CYS B 21 4.67 18.30 -10.63
N ASP B 22 4.59 17.97 -11.92
CA ASP B 22 5.41 16.92 -12.52
C ASP B 22 5.20 15.54 -11.86
N LEU B 23 3.95 15.24 -11.51
CA LEU B 23 3.62 13.97 -10.86
C LEU B 23 3.11 12.93 -11.84
N LEU B 24 2.71 13.35 -13.03
CA LEU B 24 2.19 12.39 -13.99
C LEU B 24 3.30 11.58 -14.58
N ARG B 25 3.02 10.30 -14.80
CA ARG B 25 3.95 9.39 -15.43
C ARG B 25 3.21 8.66 -16.56
N PRO B 26 3.93 8.25 -17.60
CA PRO B 26 3.26 7.60 -18.72
C PRO B 26 2.54 6.32 -18.37
N TRP B 27 3.00 5.63 -17.34
CA TRP B 27 2.45 4.32 -16.98
C TRP B 27 1.28 4.37 -15.98
N ASN B 28 0.98 5.56 -15.46
CA ASN B 28 -0.18 5.71 -14.57
C ASN B 28 -1.16 6.67 -15.21
N ASP B 29 -2.32 6.20 -15.66
CA ASP B 29 -3.25 7.17 -16.23
C ASP B 29 -3.95 7.86 -15.06
N PRO B 30 -3.94 9.20 -14.99
CA PRO B 30 -4.52 9.82 -13.79
C PRO B 30 -6.03 9.70 -13.70
N GLU B 31 -6.73 9.67 -14.84
CA GLU B 31 -8.17 9.44 -14.76
C GLU B 31 -8.42 8.04 -14.19
N MET B 32 -7.73 7.02 -14.71
CA MET B 32 -7.89 5.69 -14.13
C MET B 32 -7.55 5.67 -12.64
N ASP B 33 -6.46 6.33 -12.25
CA ASP B 33 -6.07 6.33 -10.85
C ASP B 33 -7.12 6.96 -9.94
N ILE B 34 -7.69 8.08 -10.39
CA ILE B 34 -8.73 8.70 -9.57
C ILE B 34 -9.99 7.83 -9.56
N GLU B 35 -10.33 7.23 -10.70
CA GLU B 35 -11.49 6.36 -10.74
C GLU B 35 -11.31 5.16 -9.83
N ARG B 36 -10.11 4.61 -9.76
CA ARG B 36 -9.86 3.50 -8.85
C ARG B 36 -10.12 3.90 -7.40
N LYS B 37 -9.65 5.09 -7.01
CA LYS B 37 -9.91 5.57 -5.64
C LYS B 37 -11.37 5.81 -5.38
N MET B 38 -12.07 6.41 -6.34
N MET B 38 -12.08 6.38 -6.35
CA MET B 38 -13.48 6.62 -6.17
CA MET B 38 -13.50 6.64 -6.20
C MET B 38 -14.21 5.30 -5.94
C MET B 38 -14.31 5.37 -6.07
N ASN B 39 -13.87 4.30 -6.72
CA ASN B 39 -14.55 3.03 -6.62
C ASN B 39 -14.20 2.25 -5.35
N HIS B 40 -12.98 2.41 -4.87
CA HIS B 40 -12.50 1.67 -3.74
C HIS B 40 -12.91 2.32 -2.40
N ASP B 41 -12.60 3.61 -2.26
CA ASP B 41 -12.85 4.41 -1.03
C ASP B 41 -12.17 5.75 -1.22
N VAL B 42 -12.92 6.81 -1.46
CA VAL B 42 -12.31 8.11 -1.69
C VAL B 42 -11.80 8.81 -0.43
N SER B 43 -12.14 8.29 0.74
CA SER B 43 -12.02 9.06 1.98
C SER B 43 -10.63 9.48 2.39
N LEU B 44 -9.59 8.74 2.00
CA LEU B 44 -8.22 9.10 2.36
C LEU B 44 -7.53 9.91 1.26
N PHE B 45 -8.25 10.24 0.21
CA PHE B 45 -7.73 11.10 -0.88
C PHE B 45 -8.07 12.54 -0.50
N LEU B 46 -7.07 13.27 -0.01
CA LEU B 46 -7.27 14.61 0.53
C LEU B 46 -6.73 15.68 -0.41
N VAL B 47 -7.38 16.84 -0.34
CA VAL B 47 -6.94 18.00 -1.08
C VAL B 47 -6.85 19.19 -0.14
N ALA B 48 -6.01 20.14 -0.53
CA ALA B 48 -5.86 21.40 0.19
C ALA B 48 -6.41 22.50 -0.73
N GLU B 49 -7.30 23.33 -0.19
N GLU B 49 -7.32 23.33 -0.22
CA GLU B 49 -7.97 24.38 -0.94
CA GLU B 49 -7.97 24.38 -1.01
C GLU B 49 -7.53 25.71 -0.35
C GLU B 49 -7.68 25.74 -0.39
N VAL B 50 -7.14 26.65 -1.21
CA VAL B 50 -6.77 28.00 -0.79
C VAL B 50 -7.48 28.97 -1.73
N ASN B 51 -8.22 29.92 -1.19
CA ASN B 51 -8.96 30.88 -1.99
C ASN B 51 -9.82 30.22 -3.07
N GLY B 52 -10.42 29.09 -2.73
CA GLY B 52 -11.31 28.36 -3.62
C GLY B 52 -10.66 27.42 -4.61
N ASP B 53 -9.33 27.36 -4.66
CA ASP B 53 -8.64 26.52 -5.62
C ASP B 53 -7.89 25.38 -4.93
N VAL B 54 -7.86 24.23 -5.58
CA VAL B 54 -7.10 23.10 -5.09
C VAL B 54 -5.63 23.35 -5.37
N VAL B 55 -4.82 23.42 -4.32
CA VAL B 55 -3.40 23.70 -4.46
C VAL B 55 -2.52 22.59 -3.91
N GLY B 56 -3.09 21.55 -3.34
CA GLY B 56 -2.30 20.44 -2.89
C GLY B 56 -3.12 19.18 -2.84
N THR B 57 -2.46 18.02 -2.89
CA THR B 57 -3.14 16.74 -2.76
C THR B 57 -2.29 15.73 -2.04
N VAL B 58 -2.96 14.76 -1.42
CA VAL B 58 -2.31 13.52 -1.05
C VAL B 58 -3.31 12.39 -1.26
N MET B 59 -2.94 11.41 -2.09
CA MET B 59 -3.79 10.23 -2.28
C MET B 59 -3.41 9.21 -1.22
N GLY B 60 -4.04 9.36 -0.04
CA GLY B 60 -3.82 8.44 1.04
C GLY B 60 -4.62 7.18 0.89
N GLY B 61 -4.28 6.17 1.70
CA GLY B 61 -4.93 4.90 1.59
C GLY B 61 -4.59 3.98 2.74
N TYR B 62 -5.37 2.91 2.88
CA TYR B 62 -5.18 1.92 3.90
C TYR B 62 -5.61 0.59 3.34
N ASP B 63 -4.78 -0.45 3.55
CA ASP B 63 -5.04 -1.76 3.01
C ASP B 63 -5.44 -2.80 4.04
N GLY B 64 -5.68 -2.36 5.29
CA GLY B 64 -6.03 -3.26 6.39
C GLY B 64 -4.84 -3.66 7.27
N HIS B 65 -3.64 -3.24 6.87
CA HIS B 65 -2.42 -3.48 7.66
C HIS B 65 -1.51 -2.25 7.68
N ARG B 66 -1.33 -1.59 6.54
CA ARG B 66 -0.51 -0.39 6.45
C ARG B 66 -1.20 0.70 5.67
N GLY B 67 -0.90 1.93 6.06
CA GLY B 67 -1.31 3.10 5.32
C GLY B 67 -0.30 3.44 4.24
N SER B 68 -0.73 4.26 3.29
CA SER B 68 0.07 4.66 2.16
C SER B 68 -0.24 6.08 1.73
N ALA B 69 0.62 6.64 0.88
CA ALA B 69 0.40 7.97 0.35
C ALA B 69 1.08 8.09 -0.98
N TYR B 70 0.31 8.51 -1.99
CA TYR B 70 0.79 8.72 -3.36
C TYR B 70 0.35 10.10 -3.81
N TYR B 71 0.86 10.56 -4.94
CA TYR B 71 0.42 11.79 -5.52
C TYR B 71 0.45 12.96 -4.52
N LEU B 72 1.54 13.06 -3.75
N LEU B 72 1.58 13.09 -3.82
CA LEU B 72 1.71 14.18 -2.85
CA LEU B 72 1.80 14.17 -2.87
C LEU B 72 2.25 15.32 -3.72
C LEU B 72 2.34 15.39 -3.61
N GLY B 73 1.49 16.41 -3.77
CA GLY B 73 1.93 17.58 -4.51
C GLY B 73 1.36 18.86 -3.96
N VAL B 74 2.14 19.93 -4.13
CA VAL B 74 1.75 21.28 -3.74
C VAL B 74 2.10 22.17 -4.93
N HIS B 75 1.14 22.97 -5.38
CA HIS B 75 1.34 23.90 -6.47
C HIS B 75 2.59 24.74 -6.20
N PRO B 76 3.45 24.94 -7.21
CA PRO B 76 4.71 25.69 -7.02
C PRO B 76 4.59 27.11 -6.43
N GLU B 77 3.46 27.76 -6.67
CA GLU B 77 3.21 29.12 -6.15
C GLU B 77 2.66 29.13 -4.75
N PHE B 78 2.48 27.95 -4.15
CA PHE B 78 1.95 27.84 -2.80
C PHE B 78 2.87 27.07 -1.86
N ARG B 79 4.16 27.11 -2.16
CA ARG B 79 5.15 26.47 -1.31
C ARG B 79 5.48 27.44 -0.15
N GLY B 80 6.14 26.91 0.87
CA GLY B 80 6.52 27.64 2.06
C GLY B 80 5.35 27.99 2.98
N ARG B 81 4.22 27.33 2.80
CA ARG B 81 3.03 27.59 3.59
C ARG B 81 2.63 26.41 4.48
N GLY B 82 3.45 25.36 4.49
CA GLY B 82 3.18 24.17 5.29
C GLY B 82 2.07 23.26 4.77
N ILE B 83 1.72 23.39 3.49
CA ILE B 83 0.60 22.61 2.95
C ILE B 83 0.87 21.11 2.94
N ALA B 84 2.05 20.68 2.47
CA ALA B 84 2.37 19.25 2.47
C ALA B 84 2.33 18.64 3.86
N ASN B 85 2.89 19.37 4.83
CA ASN B 85 2.88 18.91 6.23
C ASN B 85 1.43 18.81 6.73
N ALA B 86 0.61 19.80 6.41
CA ALA B 86 -0.79 19.78 6.87
C ALA B 86 -1.57 18.61 6.27
N LEU B 87 -1.33 18.35 4.98
CA LEU B 87 -2.00 17.22 4.32
C LEU B 87 -1.58 15.90 4.95
N LEU B 88 -0.27 15.71 5.15
N LEU B 88 -0.29 15.73 5.16
CA LEU B 88 0.24 14.46 5.72
CA LEU B 88 0.20 14.48 5.69
C LEU B 88 -0.22 14.26 7.16
C LEU B 88 -0.26 14.28 7.14
N ASN B 89 -0.20 15.33 7.95
CA ASN B 89 -0.69 15.20 9.32
C ASN B 89 -2.17 14.79 9.36
N ARG B 90 -2.97 15.42 8.51
CA ARG B 90 -4.38 15.08 8.49
C ARG B 90 -4.58 13.62 8.07
N LEU B 91 -3.84 13.19 7.05
CA LEU B 91 -3.92 11.79 6.62
C LEU B 91 -3.55 10.86 7.78
N GLU B 92 -2.45 11.17 8.45
CA GLU B 92 -2.03 10.31 9.55
C GLU B 92 -3.10 10.23 10.65
N LYS B 93 -3.73 11.38 10.95
CA LYS B 93 -4.82 11.35 11.94
C LYS B 93 -6.04 10.55 11.47
N LYS B 94 -6.41 10.68 10.17
N LYS B 94 -6.34 10.68 10.19
CA LYS B 94 -7.54 9.88 9.63
CA LYS B 94 -7.46 9.97 9.65
C LYS B 94 -7.19 8.41 9.71
C LYS B 94 -7.19 8.45 9.66
N LEU B 95 -5.93 8.08 9.42
CA LEU B 95 -5.49 6.69 9.57
C LEU B 95 -5.60 6.19 11.00
N ILE B 96 -5.10 6.96 11.95
CA ILE B 96 -5.24 6.60 13.36
C ILE B 96 -6.71 6.39 13.72
N ALA B 97 -7.55 7.31 13.25
CA ALA B 97 -8.97 7.26 13.56
C ALA B 97 -9.64 5.97 13.15
N ARG B 98 -9.15 5.30 12.10
CA ARG B 98 -9.72 4.03 11.66
C ARG B 98 -8.87 2.83 12.07
N GLY B 99 -7.89 3.05 12.96
CA GLY B 99 -7.09 1.96 13.50
C GLY B 99 -5.86 1.54 12.75
N CYS B 100 -5.49 2.31 11.72
CA CYS B 100 -4.28 1.98 10.97
C CYS B 100 -3.04 2.19 11.84
N PRO B 101 -2.16 1.17 11.96
CA PRO B 101 -1.07 1.28 12.92
C PRO B 101 0.21 1.90 12.42
N LYS B 102 0.36 2.08 11.11
CA LYS B 102 1.61 2.53 10.54
C LYS B 102 1.37 2.97 9.12
N ILE B 103 2.08 4.00 8.69
CA ILE B 103 2.07 4.48 7.30
C ILE B 103 3.46 4.29 6.71
N GLN B 104 3.51 3.93 5.44
N GLN B 104 3.45 3.93 5.43
CA GLN B 104 4.81 3.81 4.77
CA GLN B 104 4.66 3.74 4.62
C GLN B 104 4.70 4.45 3.41
C GLN B 104 4.59 4.62 3.41
N ILE B 105 5.75 5.18 3.03
CA ILE B 105 5.85 5.97 1.81
C ILE B 105 7.20 5.68 1.15
N ASN B 106 7.15 5.36 -0.13
CA ASN B 106 8.38 5.14 -0.90
C ASN B 106 8.84 6.42 -1.57
N VAL B 107 10.13 6.72 -1.42
CA VAL B 107 10.70 7.93 -2.01
C VAL B 107 11.83 7.58 -2.97
N PRO B 108 11.99 8.33 -4.05
CA PRO B 108 13.12 8.04 -4.94
C PRO B 108 14.45 8.03 -4.18
N GLU B 109 15.32 7.08 -4.55
CA GLU B 109 16.65 6.93 -3.93
C GLU B 109 17.49 8.18 -3.97
N ASP B 110 17.38 8.93 -5.06
CA ASP B 110 18.30 10.04 -5.25
C ASP B 110 17.82 11.39 -4.75
N ASN B 111 16.77 11.38 -3.94
CA ASN B 111 16.25 12.64 -3.44
C ASN B 111 16.52 12.83 -1.94
N ASP B 112 17.71 13.36 -1.62
CA ASP B 112 18.11 13.63 -0.23
C ASP B 112 17.24 14.69 0.45
N MET B 113 16.73 15.63 -0.33
CA MET B 113 15.86 16.68 0.19
C MET B 113 14.56 16.04 0.70
N VAL B 114 13.92 15.24 -0.15
CA VAL B 114 12.66 14.59 0.20
C VAL B 114 12.87 13.62 1.37
N LEU B 115 13.98 12.88 1.35
CA LEU B 115 14.32 11.99 2.45
C LEU B 115 14.43 12.78 3.75
N GLY B 116 15.17 13.89 3.72
CA GLY B 116 15.34 14.73 4.90
C GLY B 116 14.02 15.22 5.46
N MET B 117 13.14 15.66 4.55
CA MET B 117 11.81 16.17 4.93
C MET B 117 11.04 15.12 5.71
N TYR B 118 10.99 13.90 5.18
CA TYR B 118 10.25 12.83 5.87
C TYR B 118 10.89 12.45 7.21
N GLU B 119 12.21 12.47 7.27
CA GLU B 119 12.87 12.15 8.54
C GLU B 119 12.45 13.15 9.61
N ARG B 120 12.35 14.42 9.24
CA ARG B 120 11.93 15.46 10.19
C ARG B 120 10.46 15.32 10.61
N LEU B 121 9.68 14.62 9.79
CA LEU B 121 8.28 14.33 10.10
C LEU B 121 8.10 13.04 10.91
N GLY B 122 9.19 12.39 11.28
CA GLY B 122 9.14 11.20 12.10
C GLY B 122 9.19 9.88 11.38
N TYR B 123 9.49 9.90 10.07
CA TYR B 123 9.59 8.69 9.26
C TYR B 123 11.03 8.18 9.32
N GLU B 124 11.19 6.87 9.23
CA GLU B 124 12.49 6.23 9.26
C GLU B 124 12.64 5.27 8.09
N HIS B 125 13.82 5.23 7.54
CA HIS B 125 14.15 4.38 6.41
C HIS B 125 14.22 2.92 6.85
N ALA B 126 13.46 2.07 6.18
CA ALA B 126 13.43 0.63 6.45
C ALA B 126 14.52 -0.07 5.65
N ASP B 127 15.19 -1.02 6.30
N ASP B 127 15.21 -1.01 6.28
CA ASP B 127 16.26 -1.82 5.68
CA ASP B 127 16.29 -1.75 5.62
C ASP B 127 15.63 -2.95 4.88
C ASP B 127 15.70 -2.93 4.85
N VAL B 128 15.05 -2.59 3.74
CA VAL B 128 14.37 -3.55 2.89
C VAL B 128 14.60 -3.20 1.44
N LEU B 129 14.38 -4.20 0.59
CA LEU B 129 14.33 -4.01 -0.82
C LEU B 129 12.84 -3.88 -1.20
N SER B 130 12.56 -3.02 -2.16
CA SER B 130 11.21 -2.79 -2.62
C SER B 130 11.08 -3.33 -4.03
N LEU B 131 10.08 -4.19 -4.23
CA LEU B 131 9.81 -4.81 -5.53
C LEU B 131 8.38 -4.51 -5.95
N GLY B 132 8.13 -4.54 -7.25
CA GLY B 132 6.79 -4.31 -7.75
C GLY B 132 6.51 -5.09 -9.02
N LYS B 133 5.24 -5.26 -9.31
CA LYS B 133 4.81 -5.94 -10.55
C LYS B 133 3.56 -5.26 -11.06
N ARG B 134 3.61 -4.75 -12.28
CA ARG B 134 2.47 -4.15 -12.91
C ARG B 134 1.48 -5.26 -13.26
N LEU B 135 0.20 -5.01 -12.95
CA LEU B 135 -0.89 -5.97 -13.18
C LEU B 135 -1.85 -5.56 -14.26
N ILE B 136 -2.11 -4.27 -14.38
CA ILE B 136 -2.99 -3.71 -15.43
C ILE B 136 -2.23 -2.59 -16.10
N GLU B 137 -2.21 -2.61 -17.44
CA GLU B 137 -1.37 -1.71 -18.24
C GLU B 137 -2.13 -0.50 -18.74
N ASP B 138 -2.16 0.53 -17.93
CA ASP B 138 -2.85 1.78 -18.26
C ASP B 138 -2.36 2.32 -19.60
N GLU B 139 -1.03 2.26 -19.83
CA GLU B 139 -0.46 2.86 -21.05
C GLU B 139 -0.87 2.16 -22.32
N GLU B 140 -1.38 0.92 -22.22
CA GLU B 140 -1.88 0.22 -23.39
C GLU B 140 -3.23 0.74 -23.85
N TYR B 141 -3.98 1.43 -22.99
CA TYR B 141 -5.25 1.99 -23.40
C TYR B 141 -4.96 3.03 -24.44
N ALA B 142 -5.71 2.97 -25.54
CA ALA B 142 -5.41 3.83 -26.70
C ALA B 142 -6.12 5.17 -26.71
N GLY B 143 -6.98 5.44 -25.75
CA GLY B 143 -7.65 6.74 -25.70
C GLY B 143 -6.68 7.89 -25.47
N GLU B 144 -6.86 8.91 -26.27
CA GLU B 144 -6.01 10.08 -26.17
C GLU B 144 -6.64 11.11 -25.24
N ASN B 145 -5.81 11.74 -24.41
CA ASN B 145 -6.25 12.74 -23.44
C ASN B 145 -5.69 14.12 -23.73
N LEU B 146 -6.37 15.14 -23.22
CA LEU B 146 -5.94 16.52 -23.39
C LEU B 146 -4.72 16.85 -22.54
N TYR B 147 -4.55 16.15 -21.43
CA TYR B 147 -3.45 16.33 -20.49
C TYR B 147 -2.23 15.53 -20.90
N PHE B 148 -1.05 16.02 -20.52
CA PHE B 148 0.21 15.31 -20.63
C PHE B 148 0.53 14.86 -22.05
N GLN B 149 0.22 15.71 -23.00
CA GLN B 149 0.55 15.41 -24.39
C GLN B 149 2.05 15.55 -24.67
P PO4 C . 5.00 4.10 -9.71
O1 PO4 C . 4.31 2.79 -10.09
O2 PO4 C . 5.47 4.01 -8.30
O3 PO4 C . 6.10 4.53 -10.67
O4 PO4 C . 3.94 5.18 -9.81
P PO4 D . 7.22 -3.83 9.73
O1 PO4 D . 7.37 -3.74 8.21
O2 PO4 D . 6.38 -5.05 10.03
O3 PO4 D . 8.58 -4.03 10.36
O4 PO4 D . 6.48 -2.62 10.27
C1 EDO E . -11.89 0.10 2.13
O1 EDO E . -12.06 0.93 0.97
C2 EDO E . -11.03 -1.02 1.59
O2 EDO E . -11.89 -2.12 1.19
C1 EDO F . 2.87 8.97 -6.60
O1 EDO F . 2.99 10.30 -7.08
C2 EDO F . 3.66 8.76 -5.32
O2 EDO F . 4.51 7.59 -5.46
C1 EDO G . 6.97 23.65 2.67
O1 EDO G . 6.20 24.60 3.41
C2 EDO G . 7.04 24.17 1.26
O2 EDO G . 7.78 23.33 0.35
#